data_7I2G
#
_entry.id   7I2G
#
_cell.length_a   82.422
_cell.length_b   116.041
_cell.length_c   147.388
_cell.angle_alpha   90.00
_cell.angle_beta   90.00
_cell.angle_gamma   90.00
#
_symmetry.space_group_name_H-M   'I 2 2 2'
#
loop_
_entity.id
_entity.type
_entity.pdbx_description
1 polymer 'NS5 RNA-dependent RNA polymerase'
2 non-polymer 'ZINC ION'
3 non-polymer '2-(N-MORPHOLINO)-ETHANESULFONIC ACID'
4 non-polymer 'DIMETHYL SULFOXIDE'
5 non-polymer 'PHOSPHATE ION'
6 non-polymer DI(HYDROXYETHYL)ETHER
7 non-polymer 'CHLORIDE ION'
8 non-polymer 6-methyl-2-[(3-methyl-1,2-oxazol-5-yl)methyl]pyridazin-3(2H)-one
9 water water
#
_entity_poly.entity_id   1
_entity_poly.type   'polypeptide(L)'
_entity_poly.pdbx_seq_one_letter_code
;GPGIESETPNLDIIGKRIEKIKQEHETSWHYDQDHPYKTWAYHGSYETKQTGSASSMVNGVVRLLTKPWDIIPMVTQMAM
TDTTPFGQQRVFKEKVDTRTQEPKEGTKKLMKITAEWLWKELGKKKTPRMCTREEFTRKVRSNAALGAIFTDENKWKSAR
EAVEDSGFWELVDKERNLHLEGKCETCVYNMMGKREKKLGEFGKAKGSRAIWYMWLGARFLEFEALGFLNEDHWFSRENS
LSGVEGEGLHKLGYILRDVSKKEGGAMYADDTAGWDTRITLEDLKNEEMVTNHMEGEHKKLAEAIFKLTYQNKVVRVQRP
TPRGTVMDIISRRDQRGSGQVVTYGLNTFTNMEAQLIRQMEGEGVFKSIQHLTVTEEIAVKNWLVRVGRERLSRMAISGD
DCVVKPLDDRFASALTALNDMGKVRKDIQQWEPSRGWNDWTQVPFCSHHFHELIMKDGRVLVVPCRNQDELIGRARISQG
AGWSLRETACLGKSYAQMWSLMYFHRRDLRLAANAICSAVPSHWVPTSRTTWSIHATHEWMTTEDMLTVWNRVWIQENPW
MEDKTPVESWEEIPYLGKREDQWCGSLIGLTSRATWAKNIQTAINQVRSLIGNEEYTDYMPSMKRFRREEEEAGVLW
;
_entity_poly.pdbx_strand_id   A
#
# COMPACT_ATOMS: atom_id res chain seq x y z
N ASN A 10 11.73 -29.01 5.83
CA ASN A 10 12.58 -28.41 6.91
C ASN A 10 14.02 -28.27 6.36
N LEU A 11 15.05 -28.69 7.12
CA LEU A 11 16.47 -28.24 6.99
C LEU A 11 17.06 -28.58 5.62
N ASP A 12 16.48 -29.56 4.92
CA ASP A 12 16.99 -29.99 3.59
C ASP A 12 16.80 -28.88 2.55
N ILE A 13 15.87 -27.91 2.77
CA ILE A 13 15.54 -26.78 1.83
C ILE A 13 16.23 -25.48 2.27
N ILE A 14 16.42 -25.28 3.57
CA ILE A 14 16.97 -24.03 4.16
C ILE A 14 18.45 -24.22 4.55
N GLY A 15 18.86 -25.47 4.79
CA GLY A 15 20.24 -25.84 5.21
C GLY A 15 21.31 -25.06 4.44
N LYS A 16 21.38 -25.24 3.13
CA LYS A 16 22.42 -24.64 2.25
C LYS A 16 22.59 -23.16 2.62
N ARG A 17 21.48 -22.42 2.69
CA ARG A 17 21.45 -20.97 3.03
C ARG A 17 22.04 -20.78 4.43
N ILE A 18 21.63 -21.66 5.36
CA ILE A 18 22.10 -21.66 6.78
C ILE A 18 23.61 -21.95 6.78
N GLU A 19 24.03 -23.04 6.12
CA GLU A 19 25.43 -23.52 6.03
C GLU A 19 26.34 -22.40 5.49
N LYS A 20 25.92 -21.73 4.42
CA LYS A 20 26.69 -20.64 3.76
C LYS A 20 26.95 -19.50 4.75
N ILE A 21 25.92 -19.11 5.50
CA ILE A 21 26.02 -17.98 6.49
C ILE A 21 26.93 -18.42 7.64
N LYS A 22 26.71 -19.63 8.16
CA LYS A 22 27.47 -20.22 9.30
C LYS A 22 28.98 -20.16 8.99
N GLN A 23 29.37 -20.33 7.73
CA GLN A 23 30.78 -20.37 7.27
C GLN A 23 31.39 -18.97 7.10
N GLU A 24 30.56 -17.99 6.72
CA GLU A 24 30.97 -16.58 6.50
C GLU A 24 31.26 -15.92 7.85
N HIS A 25 30.76 -16.50 8.94
CA HIS A 25 30.98 -16.04 10.35
C HIS A 25 31.36 -17.24 11.22
N GLU A 26 32.28 -18.08 10.75
CA GLU A 26 32.74 -19.33 11.42
C GLU A 26 33.50 -18.97 12.71
N THR A 27 34.23 -17.85 12.68
CA THR A 27 35.01 -17.32 13.84
C THR A 27 34.08 -17.13 15.04
N SER A 28 32.97 -16.39 14.85
CA SER A 28 31.94 -16.11 15.88
C SER A 28 30.63 -16.84 15.53
N TRP A 29 30.43 -18.04 16.08
CA TRP A 29 29.18 -18.84 15.92
C TRP A 29 28.85 -19.51 17.26
N HIS A 30 27.74 -19.10 17.88
CA HIS A 30 27.22 -19.65 19.16
C HIS A 30 25.75 -20.05 18.99
N TYR A 31 25.37 -21.22 19.51
CA TYR A 31 23.97 -21.71 19.56
C TYR A 31 23.34 -21.29 20.90
N ASP A 32 23.17 -19.97 21.07
CA ASP A 32 22.62 -19.34 22.31
C ASP A 32 21.41 -20.13 22.87
N GLN A 33 21.37 -20.29 24.20
CA GLN A 33 20.32 -21.06 24.93
C GLN A 33 19.35 -20.08 25.59
N ASP A 34 19.59 -18.78 25.44
CA ASP A 34 18.72 -17.69 25.98
C ASP A 34 18.09 -16.93 24.81
N HIS A 35 17.78 -17.63 23.72
CA HIS A 35 17.16 -17.06 22.49
C HIS A 35 15.66 -16.85 22.73
N PRO A 36 15.10 -15.67 22.36
CA PRO A 36 13.69 -15.37 22.67
C PRO A 36 12.59 -15.95 21.76
N TYR A 37 12.93 -16.86 20.84
CA TYR A 37 12.00 -17.37 19.80
C TYR A 37 11.26 -18.60 20.33
N LYS A 38 9.93 -18.62 20.20
CA LYS A 38 9.07 -19.81 20.45
C LYS A 38 8.53 -20.38 19.13
N THR A 39 7.89 -19.53 18.32
CA THR A 39 7.17 -19.91 17.07
C THR A 39 8.14 -19.85 15.88
N TRP A 40 9.30 -19.22 16.07
CA TRP A 40 10.33 -19.17 14.99
C TRP A 40 11.41 -20.21 15.32
N ALA A 41 11.94 -20.89 14.31
CA ALA A 41 13.04 -21.86 14.54
C ALA A 41 14.38 -21.11 14.59
N TYR A 42 15.16 -21.32 15.65
CA TYR A 42 16.48 -20.65 15.80
C TYR A 42 17.57 -21.62 15.40
N HIS A 43 18.59 -21.15 14.67
CA HIS A 43 19.63 -22.08 14.16
C HIS A 43 21.01 -21.70 14.72
N GLY A 44 21.23 -20.42 15.03
CA GLY A 44 22.56 -20.00 15.51
C GLY A 44 22.71 -18.49 15.58
N SER A 45 23.92 -18.00 15.91
CA SER A 45 24.14 -16.55 16.08
C SER A 45 25.59 -16.19 15.76
N TYR A 46 25.87 -14.90 15.52
CA TYR A 46 27.24 -14.41 15.19
C TYR A 46 27.30 -12.89 15.41
N GLU A 47 28.49 -12.37 15.73
CA GLU A 47 28.73 -10.95 16.09
C GLU A 47 28.24 -10.03 14.96
N THR A 48 27.81 -8.82 15.31
CA THR A 48 27.35 -7.76 14.37
C THR A 48 27.50 -6.39 15.04
N ALA A 54 18.03 4.95 10.31
CA ALA A 54 17.55 5.94 9.31
C ALA A 54 16.29 6.63 9.83
N SER A 55 16.37 7.26 11.00
CA SER A 55 15.22 7.85 11.75
C SER A 55 14.58 8.99 10.95
N SER A 56 13.41 9.44 11.40
CA SER A 56 12.61 10.52 10.79
C SER A 56 13.23 11.88 11.15
N MET A 57 13.45 12.73 10.14
CA MET A 57 13.97 14.12 10.26
C MET A 57 12.86 15.10 9.90
N VAL A 58 12.95 16.35 10.32
CA VAL A 58 11.93 17.36 9.93
C VAL A 58 12.38 18.06 8.64
N ASN A 59 11.44 18.22 7.69
CA ASN A 59 11.50 19.11 6.53
C ASN A 59 11.28 20.55 6.98
N GLY A 60 12.33 21.37 6.96
CA GLY A 60 12.30 22.76 7.42
C GLY A 60 11.49 23.65 6.50
N VAL A 61 11.46 23.33 5.21
CA VAL A 61 10.70 24.17 4.25
C VAL A 61 9.22 24.08 4.63
N VAL A 62 8.67 22.87 4.78
CA VAL A 62 7.24 22.66 5.14
C VAL A 62 6.97 23.24 6.54
N ARG A 63 7.87 23.04 7.50
CA ARG A 63 7.60 23.47 8.88
C ARG A 63 7.59 25.00 8.97
N LEU A 64 8.50 25.73 8.30
CA LEU A 64 8.53 27.21 8.41
C LEU A 64 7.25 27.78 7.79
N LEU A 65 6.62 27.06 6.87
CA LEU A 65 5.40 27.56 6.17
C LEU A 65 4.11 27.00 6.80
N THR A 66 4.20 26.29 7.92
CA THR A 66 3.03 25.76 8.67
C THR A 66 3.19 26.07 10.17
N LYS A 67 3.51 27.30 10.53
CA LYS A 67 3.86 27.73 11.91
C LYS A 67 2.71 27.45 12.90
N PRO A 68 1.42 27.69 12.58
CA PRO A 68 0.36 27.44 13.57
C PRO A 68 0.42 26.00 14.13
N TRP A 69 0.99 25.07 13.36
CA TRP A 69 0.97 23.64 13.75
C TRP A 69 2.16 23.36 14.69
N ASP A 70 3.03 24.33 14.94
CA ASP A 70 4.18 24.09 15.84
C ASP A 70 3.67 23.79 17.26
N ILE A 71 2.42 24.13 17.58
CA ILE A 71 1.86 24.01 18.96
C ILE A 71 0.77 22.94 19.02
N ILE A 72 0.53 22.16 17.94
CA ILE A 72 -0.46 21.06 17.86
C ILE A 72 0.26 19.74 18.10
N PRO A 73 0.12 19.13 19.31
CA PRO A 73 0.81 17.89 19.65
C PRO A 73 0.60 16.74 18.66
N MET A 74 -0.59 16.62 18.09
CA MET A 74 -0.85 15.58 17.06
C MET A 74 0.13 15.75 15.88
N VAL A 75 0.47 16.98 15.47
CA VAL A 75 1.43 17.25 14.36
C VAL A 75 2.85 16.98 14.88
N THR A 76 3.25 17.58 15.99
CA THR A 76 4.66 17.66 16.43
C THR A 76 5.12 16.30 16.94
N GLN A 77 4.24 15.55 17.61
CA GLN A 77 4.60 14.21 18.14
C GLN A 77 4.89 13.25 17.01
N MET A 78 4.30 13.43 15.83
CA MET A 78 4.50 12.49 14.69
C MET A 78 5.98 12.46 14.28
N ALA A 79 6.76 13.53 14.51
CA ALA A 79 8.18 13.59 14.08
C ALA A 79 9.14 13.04 15.14
N MET A 80 8.67 12.63 16.31
CA MET A 80 9.57 12.11 17.39
C MET A 80 9.68 10.59 17.27
N THR A 81 10.56 9.96 18.06
CA THR A 81 10.67 8.50 18.23
C THR A 81 12.09 7.98 18.06
N GLU A 94 6.83 -7.48 17.78
CA GLU A 94 6.85 -8.66 18.68
C GLU A 94 5.67 -9.58 18.35
N LYS A 95 4.78 -9.13 17.47
CA LYS A 95 3.58 -9.90 17.02
C LYS A 95 4.01 -10.92 15.96
N VAL A 96 5.21 -10.77 15.41
CA VAL A 96 5.79 -11.67 14.37
C VAL A 96 6.00 -13.06 14.96
N ASP A 97 6.17 -13.13 16.29
CA ASP A 97 6.43 -14.40 17.04
C ASP A 97 5.12 -14.95 17.59
N THR A 98 4.12 -15.13 16.71
CA THR A 98 2.80 -15.76 17.02
C THR A 98 2.62 -16.96 16.10
N ARG A 99 1.60 -17.81 16.35
CA ARG A 99 1.35 -19.05 15.56
C ARG A 99 -0.15 -19.25 15.28
N THR A 100 -0.57 -19.15 14.01
CA THR A 100 -1.97 -19.38 13.55
C THR A 100 -2.23 -20.87 13.33
N GLN A 101 -3.20 -21.44 14.06
CA GLN A 101 -3.67 -22.86 13.93
C GLN A 101 -4.08 -23.14 12.48
N GLU A 102 -4.03 -24.42 12.05
CA GLU A 102 -4.43 -24.81 10.67
C GLU A 102 -5.96 -24.83 10.57
N PRO A 103 -6.54 -24.24 9.52
CA PRO A 103 -7.99 -24.23 9.34
C PRO A 103 -8.56 -25.65 9.35
N LYS A 104 -9.84 -25.80 9.69
CA LYS A 104 -10.64 -27.05 9.55
C LYS A 104 -10.73 -27.43 8.07
N GLU A 105 -11.03 -28.70 7.80
CA GLU A 105 -11.01 -29.33 6.45
C GLU A 105 -12.02 -28.61 5.55
N GLY A 106 -13.19 -28.26 6.08
CA GLY A 106 -14.26 -27.58 5.32
C GLY A 106 -13.82 -26.16 4.94
N THR A 107 -13.09 -25.48 5.82
CA THR A 107 -12.47 -24.16 5.53
C THR A 107 -11.45 -24.32 4.39
N LYS A 108 -10.51 -25.27 4.55
CA LYS A 108 -9.43 -25.55 3.57
C LYS A 108 -10.02 -25.86 2.18
N LYS A 109 -11.13 -26.60 2.13
CA LYS A 109 -11.86 -26.91 0.87
C LYS A 109 -12.37 -25.62 0.25
N LEU A 110 -13.16 -24.84 1.01
CA LEU A 110 -13.75 -23.54 0.58
C LEU A 110 -12.66 -22.64 0.00
N MET A 111 -11.50 -22.55 0.67
CA MET A 111 -10.35 -21.72 0.23
C MET A 111 -9.76 -22.25 -1.11
N LYS A 112 -9.60 -23.57 -1.24
CA LYS A 112 -8.99 -24.24 -2.42
C LYS A 112 -9.88 -24.00 -3.65
N ILE A 113 -11.19 -24.20 -3.52
CA ILE A 113 -12.18 -24.05 -4.63
C ILE A 113 -12.26 -22.57 -5.04
N THR A 114 -12.29 -21.65 -4.07
CA THR A 114 -12.42 -20.19 -4.34
C THR A 114 -11.17 -19.67 -5.04
N ALA A 115 -9.99 -20.08 -4.55
CA ALA A 115 -8.66 -19.69 -5.08
C ALA A 115 -8.52 -20.16 -6.53
N GLU A 116 -8.84 -21.44 -6.80
CA GLU A 116 -8.77 -22.03 -8.17
C GLU A 116 -9.67 -21.21 -9.09
N TRP A 117 -10.92 -20.95 -8.68
CA TRP A 117 -11.88 -20.14 -9.48
C TRP A 117 -11.35 -18.71 -9.68
N LEU A 118 -10.66 -18.13 -8.67
CA LEU A 118 -10.27 -16.69 -8.71
C LEU A 118 -9.07 -16.50 -9.64
N TRP A 119 -8.05 -17.37 -9.55
CA TRP A 119 -6.92 -17.38 -10.51
C TRP A 119 -7.42 -17.56 -11.95
N LYS A 120 -8.40 -18.44 -12.19
CA LYS A 120 -9.03 -18.58 -13.53
C LYS A 120 -9.59 -17.23 -13.95
N GLU A 121 -10.41 -16.57 -13.12
CA GLU A 121 -11.06 -15.31 -13.54
C GLU A 121 -10.00 -14.25 -13.87
N LEU A 122 -8.97 -14.14 -13.01
CA LEU A 122 -7.95 -13.08 -13.12
C LEU A 122 -7.15 -13.34 -14.40
N GLY A 123 -7.02 -14.62 -14.74
CA GLY A 123 -6.27 -15.12 -15.91
C GLY A 123 -7.05 -15.01 -17.21
N LYS A 124 -8.37 -14.80 -17.21
CA LYS A 124 -9.16 -14.86 -18.46
C LYS A 124 -8.61 -13.90 -19.53
N LYS A 125 -8.13 -12.73 -19.13
CA LYS A 125 -7.75 -11.65 -20.08
C LYS A 125 -6.31 -11.21 -19.82
N LYS A 126 -5.51 -12.04 -19.17
CA LYS A 126 -4.10 -11.74 -18.87
C LYS A 126 -3.27 -12.98 -19.16
N THR A 127 -2.02 -12.78 -19.56
CA THR A 127 -1.04 -13.86 -19.85
C THR A 127 0.09 -13.72 -18.86
N PRO A 128 0.27 -14.67 -17.93
CA PRO A 128 1.47 -14.64 -17.08
C PRO A 128 2.70 -14.57 -18.01
N ARG A 129 3.76 -13.94 -17.54
CA ARG A 129 5.00 -13.77 -18.34
C ARG A 129 6.13 -13.33 -17.42
N MET A 130 7.38 -13.67 -17.76
CA MET A 130 8.55 -13.31 -16.93
C MET A 130 8.83 -11.81 -17.11
N CYS A 131 9.23 -11.13 -16.05
CA CYS A 131 9.76 -9.74 -16.15
C CYS A 131 11.27 -9.85 -16.46
N THR A 132 11.85 -8.80 -17.03
CA THR A 132 13.22 -8.79 -17.63
C THR A 132 14.13 -7.81 -16.87
N ARG A 133 15.42 -8.10 -16.84
CA ARG A 133 16.48 -7.22 -16.27
C ARG A 133 16.26 -5.79 -16.80
N GLU A 134 16.06 -5.66 -18.11
CA GLU A 134 15.93 -4.36 -18.83
C GLU A 134 14.66 -3.64 -18.36
N GLU A 135 13.81 -4.33 -17.61
CA GLU A 135 12.60 -3.76 -16.95
C GLU A 135 12.93 -3.46 -15.48
N PHE A 136 13.70 -4.36 -14.85
CA PHE A 136 14.18 -4.24 -13.44
C PHE A 136 15.17 -3.08 -13.35
N THR A 137 16.14 -3.07 -14.27
CA THR A 137 17.19 -2.01 -14.39
C THR A 137 16.50 -0.64 -14.45
N ARG A 138 15.63 -0.43 -15.43
CA ARG A 138 14.90 0.84 -15.64
C ARG A 138 14.22 1.26 -14.34
N LYS A 139 13.70 0.30 -13.57
CA LYS A 139 13.01 0.54 -12.27
C LYS A 139 14.01 1.13 -11.28
N VAL A 140 15.21 0.56 -11.20
CA VAL A 140 16.30 1.01 -10.26
C VAL A 140 16.78 2.39 -10.69
N ARG A 141 16.78 2.68 -11.99
CA ARG A 141 17.19 4.01 -12.54
C ARG A 141 16.16 5.09 -12.15
N SER A 142 14.88 4.72 -12.11
CA SER A 142 13.74 5.59 -11.71
C SER A 142 13.64 5.65 -10.18
N ASN A 143 14.36 4.77 -9.48
CA ASN A 143 14.40 4.70 -7.99
C ASN A 143 13.02 4.28 -7.46
N ALA A 144 12.93 3.11 -6.83
CA ALA A 144 11.71 2.54 -6.23
C ALA A 144 12.06 1.73 -4.98
N ALA A 145 11.08 1.44 -4.13
CA ALA A 145 11.23 0.71 -2.84
C ALA A 145 11.33 -0.80 -3.12
N LEU A 146 12.36 -1.20 -3.87
CA LEU A 146 12.65 -2.63 -4.20
C LEU A 146 13.03 -3.38 -2.92
N GLY A 147 13.33 -2.64 -1.86
CA GLY A 147 13.74 -3.18 -0.55
C GLY A 147 14.90 -4.15 -0.67
N ALA A 148 16.04 -3.68 -1.21
CA ALA A 148 17.28 -4.46 -1.40
C ALA A 148 18.38 -3.92 -0.49
N ILE A 149 19.25 -4.81 0.02
CA ILE A 149 20.39 -4.48 0.93
C ILE A 149 21.60 -4.08 0.08
N LYS A 155 29.69 -4.94 -1.37
CA LYS A 155 30.41 -5.15 -2.66
C LYS A 155 30.10 -3.99 -3.61
N TRP A 156 28.81 -3.67 -3.79
CA TRP A 156 28.32 -2.49 -4.56
C TRP A 156 27.68 -1.48 -3.60
N LYS A 157 28.06 -0.21 -3.72
CA LYS A 157 27.51 0.92 -2.90
C LYS A 157 25.98 0.87 -2.98
N SER A 158 25.42 1.38 -4.08
CA SER A 158 23.95 1.50 -4.31
C SER A 158 23.46 0.38 -5.24
N ALA A 159 22.15 0.35 -5.50
CA ALA A 159 21.49 -0.62 -6.42
C ALA A 159 21.80 -0.24 -7.87
N ARG A 160 21.79 1.07 -8.16
CA ARG A 160 22.06 1.63 -9.51
C ARG A 160 23.41 1.09 -10.02
N GLU A 161 24.41 0.96 -9.15
CA GLU A 161 25.77 0.46 -9.53
C GLU A 161 25.76 -1.04 -9.86
N ALA A 162 25.24 -1.88 -8.96
CA ALA A 162 25.22 -3.36 -9.06
C ALA A 162 24.56 -3.83 -10.37
N VAL A 163 23.52 -3.11 -10.80
CA VAL A 163 22.73 -3.38 -12.04
C VAL A 163 23.66 -3.35 -13.26
N GLU A 164 24.64 -2.45 -13.28
CA GLU A 164 25.58 -2.26 -14.41
C GLU A 164 26.74 -3.29 -14.39
N ASP A 165 27.18 -3.71 -13.19
CA ASP A 165 28.28 -4.70 -13.02
C ASP A 165 27.75 -6.11 -13.32
N SER A 166 28.27 -6.73 -14.39
CA SER A 166 27.84 -8.06 -14.89
C SER A 166 28.17 -9.14 -13.84
N GLY A 167 29.14 -8.88 -12.97
CA GLY A 167 29.50 -9.77 -11.84
C GLY A 167 28.28 -10.12 -11.04
N PHE A 168 27.40 -9.14 -10.80
CA PHE A 168 26.08 -9.29 -10.13
C PHE A 168 25.24 -10.30 -10.93
N TRP A 169 25.01 -10.03 -12.22
CA TRP A 169 24.17 -10.85 -13.12
C TRP A 169 24.70 -12.28 -13.18
N GLU A 170 26.02 -12.46 -13.00
CA GLU A 170 26.68 -13.80 -12.92
C GLU A 170 26.19 -14.50 -11.64
N LEU A 171 26.19 -13.77 -10.51
CA LEU A 171 25.69 -14.28 -9.20
C LEU A 171 24.21 -14.66 -9.36
N VAL A 172 23.44 -13.77 -10.00
CA VAL A 172 22.00 -13.98 -10.31
C VAL A 172 21.83 -15.27 -11.10
N ASP A 173 22.65 -15.47 -12.14
CA ASP A 173 22.65 -16.67 -13.02
C ASP A 173 22.84 -17.93 -12.17
N LYS A 174 23.86 -17.94 -11.31
CA LYS A 174 24.19 -19.10 -10.43
C LYS A 174 22.96 -19.45 -9.61
N GLU A 175 22.43 -18.49 -8.84
CA GLU A 175 21.22 -18.64 -8.00
C GLU A 175 20.06 -19.14 -8.88
N ARG A 176 19.75 -18.40 -9.94
CA ARG A 176 18.68 -18.73 -10.91
C ARG A 176 18.76 -20.21 -11.27
N ASN A 177 19.92 -20.66 -11.77
CA ASN A 177 20.17 -22.04 -12.23
C ASN A 177 20.02 -23.00 -11.04
N LEU A 178 20.29 -22.52 -9.82
CA LEU A 178 20.05 -23.27 -8.56
C LEU A 178 18.56 -23.50 -8.36
N HIS A 179 17.74 -22.45 -8.60
CA HIS A 179 16.26 -22.50 -8.44
C HIS A 179 15.67 -23.53 -9.41
N LEU A 180 16.22 -23.64 -10.63
CA LEU A 180 15.84 -24.67 -11.63
C LEU A 180 16.24 -26.05 -11.11
N GLU A 181 17.29 -26.08 -10.26
CA GLU A 181 17.83 -27.29 -9.59
C GLU A 181 16.90 -27.71 -8.44
N GLY A 182 16.01 -26.81 -8.01
CA GLY A 182 15.14 -26.98 -6.83
C GLY A 182 15.84 -26.64 -5.53
N LYS A 183 16.86 -25.78 -5.58
CA LYS A 183 17.75 -25.47 -4.42
C LYS A 183 17.91 -23.94 -4.31
N CYS A 184 18.27 -23.45 -3.13
CA CYS A 184 18.43 -22.00 -2.81
C CYS A 184 19.70 -21.81 -1.97
N GLU A 185 20.48 -20.75 -2.24
CA GLU A 185 21.77 -20.48 -1.54
C GLU A 185 21.74 -19.10 -0.86
N THR A 186 21.30 -18.05 -1.54
CA THR A 186 21.53 -16.65 -1.08
C THR A 186 20.23 -15.87 -0.85
N CYS A 187 19.05 -16.48 -0.98
CA CYS A 187 17.74 -15.79 -0.84
C CYS A 187 17.33 -15.80 0.65
N VAL A 188 17.81 -14.80 1.39
CA VAL A 188 17.69 -14.69 2.88
C VAL A 188 17.07 -13.34 3.27
N TYR A 189 16.11 -13.37 4.19
CA TYR A 189 15.41 -12.16 4.66
C TYR A 189 16.24 -11.50 5.78
N ASN A 190 16.17 -10.17 5.85
CA ASN A 190 16.76 -9.31 6.90
C ASN A 190 15.63 -8.50 7.55
N MET A 191 15.28 -8.78 8.82
CA MET A 191 14.11 -8.19 9.53
C MET A 191 14.47 -6.79 10.04
N MET A 192 13.51 -5.85 10.06
CA MET A 192 13.67 -4.42 10.43
C MET A 192 12.28 -3.74 10.45
N ILE A 211 9.70 -5.00 8.06
CA ILE A 211 10.16 -4.88 6.64
C ILE A 211 11.31 -5.87 6.38
N TRP A 212 11.14 -6.70 5.35
CA TRP A 212 11.99 -7.88 5.05
C TRP A 212 12.82 -7.59 3.80
N TYR A 213 13.97 -6.91 3.95
CA TYR A 213 14.95 -6.68 2.86
C TYR A 213 15.67 -8.00 2.54
N MET A 214 15.76 -8.37 1.26
CA MET A 214 16.75 -9.34 0.70
C MET A 214 17.71 -8.52 -0.14
N TRP A 215 18.81 -9.13 -0.61
CA TRP A 215 19.79 -8.46 -1.51
C TRP A 215 19.19 -8.34 -2.91
N LEU A 216 19.62 -7.32 -3.66
CA LEU A 216 19.04 -6.93 -4.97
C LEU A 216 18.82 -8.17 -5.86
N GLY A 217 19.78 -9.10 -5.86
CA GLY A 217 19.70 -10.34 -6.67
C GLY A 217 18.48 -11.19 -6.39
N ALA A 218 18.20 -11.49 -5.12
CA ALA A 218 16.98 -12.22 -4.70
C ALA A 218 15.72 -11.45 -5.13
N ARG A 219 15.75 -10.11 -5.03
CA ARG A 219 14.63 -9.21 -5.40
C ARG A 219 14.35 -9.34 -6.90
N PHE A 220 15.39 -9.43 -7.73
CA PHE A 220 15.26 -9.60 -9.19
C PHE A 220 14.57 -10.93 -9.51
N LEU A 221 15.05 -12.01 -8.90
CA LEU A 221 14.54 -13.39 -9.14
C LEU A 221 13.07 -13.47 -8.72
N GLU A 222 12.68 -12.70 -7.69
CA GLU A 222 11.27 -12.56 -7.24
C GLU A 222 10.49 -11.80 -8.31
N PHE A 223 11.01 -10.63 -8.73
CA PHE A 223 10.38 -9.76 -9.76
C PHE A 223 10.24 -10.46 -11.12
N GLU A 224 11.25 -11.26 -11.48
CA GLU A 224 11.32 -12.05 -12.74
C GLU A 224 10.12 -13.01 -12.80
N ALA A 225 9.82 -13.70 -11.69
CA ALA A 225 8.79 -14.74 -11.63
C ALA A 225 7.39 -14.16 -11.41
N LEU A 226 7.24 -13.07 -10.65
CA LEU A 226 5.94 -12.64 -10.07
C LEU A 226 5.63 -11.16 -10.33
N GLY A 227 6.57 -10.39 -10.89
CA GLY A 227 6.39 -8.97 -11.25
C GLY A 227 5.22 -8.75 -12.19
N PHE A 228 4.88 -9.74 -13.01
CA PHE A 228 3.76 -9.60 -13.97
C PHE A 228 2.50 -9.17 -13.20
N LEU A 229 2.31 -9.64 -11.95
CA LEU A 229 1.08 -9.38 -11.16
C LEU A 229 0.86 -7.87 -11.08
N ASN A 230 1.91 -7.13 -10.72
CA ASN A 230 1.86 -5.65 -10.62
C ASN A 230 2.10 -5.01 -12.00
N GLU A 231 3.19 -5.40 -12.69
CA GLU A 231 3.56 -4.80 -14.01
C GLU A 231 2.38 -4.85 -15.00
N ASP A 232 1.56 -5.94 -14.99
CA ASP A 232 0.45 -6.13 -15.97
C ASP A 232 -0.93 -5.95 -15.31
N HIS A 233 -0.99 -5.37 -14.11
CA HIS A 233 -2.24 -4.82 -13.52
C HIS A 233 -3.30 -5.94 -13.35
N TRP A 234 -2.91 -7.05 -12.78
CA TRP A 234 -3.83 -8.20 -12.51
C TRP A 234 -4.92 -7.78 -11.51
N PHE A 235 -4.60 -6.85 -10.61
CA PHE A 235 -5.52 -6.35 -9.55
C PHE A 235 -6.13 -4.98 -9.88
N SER A 236 -6.09 -4.60 -11.16
CA SER A 236 -6.89 -3.49 -11.74
C SER A 236 -8.36 -3.73 -11.44
N ARG A 237 -9.17 -2.67 -11.32
CA ARG A 237 -10.63 -2.82 -11.16
C ARG A 237 -11.24 -3.51 -12.38
N GLU A 238 -10.81 -3.12 -13.58
CA GLU A 238 -11.35 -3.71 -14.84
C GLU A 238 -11.07 -5.22 -14.88
N ASN A 239 -9.86 -5.63 -14.50
CA ASN A 239 -9.51 -7.07 -14.56
C ASN A 239 -10.06 -7.91 -13.39
N SER A 240 -10.03 -7.42 -12.14
CA SER A 240 -10.29 -8.20 -10.89
C SER A 240 -11.67 -7.90 -10.27
N LEU A 241 -12.33 -6.80 -10.66
CA LEU A 241 -13.68 -6.32 -10.23
C LEU A 241 -13.71 -5.81 -8.78
N SER A 242 -12.90 -6.36 -7.87
CA SER A 242 -12.79 -5.93 -6.44
C SER A 242 -11.61 -4.99 -6.27
N GLY A 243 -10.58 -5.17 -7.08
CA GLY A 243 -9.29 -4.49 -6.91
C GLY A 243 -9.36 -3.03 -7.26
N VAL A 244 -8.36 -2.29 -6.83
CA VAL A 244 -8.19 -0.84 -7.18
C VAL A 244 -6.71 -0.56 -7.56
N GLU A 245 -5.93 -1.56 -7.95
CA GLU A 245 -4.49 -1.31 -8.27
C GLU A 245 -4.42 -0.27 -9.40
N GLY A 246 -3.58 0.75 -9.23
CA GLY A 246 -3.36 1.83 -10.21
C GLY A 246 -4.59 2.69 -10.42
N GLU A 247 -5.54 2.69 -9.47
CA GLU A 247 -6.74 3.57 -9.56
C GLU A 247 -6.30 5.01 -9.30
N GLY A 248 -5.82 5.30 -8.09
CA GLY A 248 -5.52 6.68 -7.67
C GLY A 248 -6.54 7.21 -6.68
N LEU A 249 -6.10 8.03 -5.74
N LEU A 249 -6.09 8.00 -5.69
CA LEU A 249 -6.90 8.54 -4.59
CA LEU A 249 -6.92 8.55 -4.58
C LEU A 249 -8.07 9.39 -5.08
C LEU A 249 -8.13 9.30 -5.13
N HIS A 250 -7.99 9.95 -6.28
CA HIS A 250 -9.09 10.72 -6.92
C HIS A 250 -10.16 9.84 -7.60
N LYS A 251 -9.97 8.51 -7.58
CA LYS A 251 -10.95 7.54 -8.15
C LYS A 251 -11.59 6.69 -7.04
N LEU A 252 -10.90 6.50 -5.91
CA LEU A 252 -11.38 5.59 -4.81
C LEU A 252 -12.76 6.00 -4.30
N GLY A 253 -12.99 7.29 -4.07
CA GLY A 253 -14.29 7.82 -3.63
C GLY A 253 -15.39 7.52 -4.62
N TYR A 254 -15.11 7.69 -5.91
CA TYR A 254 -16.11 7.37 -6.97
C TYR A 254 -16.39 5.87 -6.96
N ILE A 255 -15.37 5.07 -6.70
CA ILE A 255 -15.51 3.60 -6.68
C ILE A 255 -16.43 3.19 -5.52
N LEU A 256 -16.18 3.72 -4.30
CA LEU A 256 -16.99 3.43 -3.09
C LEU A 256 -18.44 3.89 -3.31
N ARG A 257 -18.65 5.01 -4.01
CA ARG A 257 -20.01 5.52 -4.32
C ARG A 257 -20.68 4.56 -5.30
N ASP A 258 -19.92 3.94 -6.22
CA ASP A 258 -20.51 2.98 -7.20
C ASP A 258 -20.97 1.72 -6.44
N VAL A 259 -20.16 1.18 -5.54
CA VAL A 259 -20.54 0.05 -4.67
C VAL A 259 -21.82 0.41 -3.90
N SER A 260 -21.92 1.62 -3.35
CA SER A 260 -23.09 2.09 -2.55
C SER A 260 -24.37 2.00 -3.38
N LYS A 261 -24.28 2.13 -4.70
CA LYS A 261 -25.43 2.15 -5.65
C LYS A 261 -26.09 0.78 -5.75
N LYS A 262 -25.35 -0.28 -5.45
CA LYS A 262 -25.85 -1.67 -5.46
C LYS A 262 -26.86 -1.87 -4.33
N GLU A 263 -27.90 -2.66 -4.58
CA GLU A 263 -28.88 -3.08 -3.56
C GLU A 263 -28.16 -4.01 -2.59
N GLY A 264 -28.33 -3.79 -1.28
CA GLY A 264 -27.69 -4.62 -0.23
C GLY A 264 -27.89 -4.03 1.15
N GLY A 265 -27.15 -4.55 2.13
CA GLY A 265 -27.18 -4.02 3.50
C GLY A 265 -26.11 -2.96 3.69
N ALA A 266 -25.57 -2.86 4.90
CA ALA A 266 -24.60 -1.81 5.29
C ALA A 266 -23.30 -2.01 4.48
N MET A 267 -22.36 -1.08 4.57
CA MET A 267 -20.98 -1.26 4.05
C MET A 267 -20.10 -1.65 5.23
N TYR A 268 -19.36 -2.73 5.07
CA TYR A 268 -18.52 -3.32 6.13
C TYR A 268 -17.09 -3.04 5.75
N ALA A 269 -16.32 -2.63 6.75
CA ALA A 269 -14.90 -2.31 6.55
C ALA A 269 -14.15 -2.77 7.78
N ASP A 270 -14.08 -4.07 7.99
CA ASP A 270 -13.34 -4.66 9.12
C ASP A 270 -11.87 -4.78 8.77
N ASP A 271 -11.01 -4.15 9.58
CA ASP A 271 -9.53 -4.30 9.53
C ASP A 271 -9.15 -5.64 10.17
N THR A 272 -8.13 -6.31 9.64
CA THR A 272 -7.59 -7.55 10.23
C THR A 272 -6.49 -7.13 11.17
N ALA A 273 -6.39 -7.82 12.31
CA ALA A 273 -5.26 -7.73 13.25
C ALA A 273 -4.06 -8.49 12.66
N GLY A 274 -2.94 -7.81 12.45
CA GLY A 274 -1.70 -8.37 11.86
C GLY A 274 -2.00 -9.29 10.69
N TRP A 275 -2.51 -8.75 9.58
CA TRP A 275 -2.89 -9.52 8.37
C TRP A 275 -1.75 -10.47 7.97
N ASP A 276 -0.52 -9.97 7.83
CA ASP A 276 0.65 -10.73 7.34
C ASP A 276 0.93 -11.91 8.29
N THR A 277 0.86 -11.68 9.60
CA THR A 277 1.16 -12.70 10.64
C THR A 277 0.07 -13.79 10.61
N ARG A 278 -1.07 -13.50 9.98
CA ARG A 278 -2.23 -14.43 9.91
C ARG A 278 -2.26 -15.14 8.55
N ILE A 279 -1.23 -14.96 7.73
CA ILE A 279 -1.08 -15.67 6.43
C ILE A 279 -0.63 -17.10 6.73
N THR A 280 -1.52 -18.07 6.54
CA THR A 280 -1.29 -19.49 6.88
C THR A 280 -0.46 -20.14 5.76
N LEU A 281 0.12 -21.31 6.01
CA LEU A 281 0.75 -22.08 4.92
C LEU A 281 -0.35 -22.45 3.90
N GLU A 282 -1.60 -22.65 4.34
CA GLU A 282 -2.72 -23.01 3.41
C GLU A 282 -3.00 -21.85 2.43
N ASP A 283 -2.84 -20.61 2.89
CA ASP A 283 -2.98 -19.39 2.06
C ASP A 283 -1.80 -19.31 1.08
N LEU A 284 -0.56 -19.54 1.55
CA LEU A 284 0.66 -19.55 0.69
C LEU A 284 0.57 -20.61 -0.43
N LYS A 285 -0.14 -21.71 -0.17
CA LYS A 285 -0.32 -22.86 -1.11
C LYS A 285 -1.43 -22.53 -2.13
N ASN A 286 -2.48 -21.79 -1.72
CA ASN A 286 -3.54 -21.34 -2.65
C ASN A 286 -3.02 -20.21 -3.56
N GLU A 287 -2.11 -19.38 -3.04
CA GLU A 287 -1.46 -18.29 -3.82
C GLU A 287 -0.55 -18.90 -4.91
N GLU A 288 0.22 -19.93 -4.57
CA GLU A 288 1.07 -20.75 -5.48
C GLU A 288 0.26 -21.30 -6.66
N MET A 289 -1.04 -21.49 -6.56
CA MET A 289 -1.81 -22.07 -7.70
C MET A 289 -1.77 -21.11 -8.90
N VAL A 290 -1.27 -19.88 -8.75
CA VAL A 290 -1.06 -19.01 -9.96
C VAL A 290 -0.10 -19.72 -10.94
N THR A 291 0.90 -20.48 -10.45
CA THR A 291 1.86 -21.21 -11.32
C THR A 291 1.15 -22.18 -12.27
N ASN A 292 -0.02 -22.69 -11.89
CA ASN A 292 -0.84 -23.59 -12.77
C ASN A 292 -1.26 -22.88 -14.06
N HIS A 293 -1.05 -21.57 -14.19
CA HIS A 293 -1.48 -20.79 -15.38
C HIS A 293 -0.25 -20.47 -16.23
N MET A 294 0.91 -20.97 -15.79
CA MET A 294 2.26 -20.63 -16.32
C MET A 294 2.75 -21.80 -17.17
N GLU A 295 3.92 -21.63 -17.80
CA GLU A 295 4.52 -22.66 -18.66
C GLU A 295 6.03 -22.51 -18.75
N GLY A 296 6.70 -23.59 -19.19
CA GLY A 296 8.13 -23.66 -19.43
C GLY A 296 8.92 -23.23 -18.22
N GLU A 297 9.98 -22.47 -18.48
CA GLU A 297 10.95 -21.96 -17.47
C GLU A 297 10.19 -21.17 -16.38
N HIS A 298 9.32 -20.26 -16.81
CA HIS A 298 8.56 -19.34 -15.92
C HIS A 298 7.93 -20.17 -14.79
N LYS A 299 7.17 -21.19 -15.15
CA LYS A 299 6.45 -22.06 -14.21
C LYS A 299 7.44 -22.61 -13.17
N LYS A 300 8.64 -23.01 -13.60
CA LYS A 300 9.70 -23.56 -12.72
C LYS A 300 10.20 -22.45 -11.82
N LEU A 301 10.55 -21.31 -12.41
CA LEU A 301 11.13 -20.15 -11.68
C LEU A 301 10.12 -19.69 -10.60
N ALA A 302 8.84 -19.49 -10.96
CA ALA A 302 7.75 -19.11 -10.04
C ALA A 302 7.59 -20.17 -8.94
N GLU A 303 7.56 -21.45 -9.32
CA GLU A 303 7.39 -22.56 -8.36
C GLU A 303 8.50 -22.52 -7.31
N ALA A 304 9.70 -22.13 -7.72
CA ALA A 304 10.88 -22.10 -6.84
C ALA A 304 10.71 -20.96 -5.83
N ILE A 305 10.33 -19.75 -6.28
CA ILE A 305 10.14 -18.59 -5.36
C ILE A 305 9.14 -19.04 -4.27
N PHE A 306 7.98 -19.59 -4.65
CA PHE A 306 6.91 -20.00 -3.71
C PHE A 306 7.41 -21.07 -2.74
N LYS A 307 8.04 -22.14 -3.26
CA LYS A 307 8.59 -23.28 -2.48
C LYS A 307 9.71 -22.83 -1.54
N LEU A 308 10.69 -22.10 -2.06
CA LEU A 308 12.02 -21.96 -1.39
C LEU A 308 12.10 -20.65 -0.60
N THR A 309 11.43 -19.58 -1.04
CA THR A 309 11.51 -18.25 -0.37
C THR A 309 10.24 -17.94 0.42
N TYR A 310 9.06 -18.40 0.01
CA TYR A 310 7.76 -18.01 0.63
C TYR A 310 7.32 -19.09 1.64
N GLN A 311 7.27 -20.36 1.22
CA GLN A 311 6.79 -21.51 2.04
C GLN A 311 7.89 -22.09 2.95
N ASN A 312 9.13 -21.63 2.80
CA ASN A 312 10.31 -22.08 3.61
C ASN A 312 11.34 -20.95 3.71
N LYS A 313 11.07 -19.96 4.57
CA LYS A 313 11.85 -18.70 4.67
C LYS A 313 13.15 -18.93 5.45
N VAL A 314 13.99 -17.90 5.52
CA VAL A 314 15.25 -17.83 6.32
C VAL A 314 15.56 -16.35 6.54
N VAL A 315 15.79 -15.95 7.80
CA VAL A 315 15.82 -14.52 8.19
C VAL A 315 16.94 -14.31 9.18
N ARG A 316 17.60 -13.15 9.10
CA ARG A 316 18.66 -12.70 10.03
C ARG A 316 18.17 -11.45 10.77
N VAL A 317 17.90 -11.58 12.07
CA VAL A 317 17.36 -10.51 12.95
C VAL A 317 18.42 -10.13 13.99
N GLN A 318 18.79 -8.85 14.04
CA GLN A 318 19.74 -8.28 15.04
C GLN A 318 19.07 -8.22 16.42
N ARG A 319 19.71 -8.79 17.44
CA ARG A 319 19.24 -8.81 18.84
C ARG A 319 20.29 -8.12 19.72
N PRO A 320 20.08 -6.85 20.13
CA PRO A 320 21.07 -6.12 20.93
C PRO A 320 21.75 -6.77 22.15
N THR A 321 21.18 -7.83 22.73
CA THR A 321 21.78 -8.60 23.86
C THR A 321 23.18 -9.10 23.44
N THR A 325 25.22 -7.72 20.74
CA THR A 325 24.43 -7.85 19.49
C THR A 325 24.83 -9.13 18.77
N VAL A 326 23.91 -10.10 18.69
CA VAL A 326 24.11 -11.40 17.97
C VAL A 326 23.03 -11.56 16.91
N MET A 327 23.44 -11.71 15.65
CA MET A 327 22.52 -11.89 14.48
C MET A 327 21.97 -13.32 14.49
N ASP A 328 20.73 -13.49 14.96
CA ASP A 328 20.03 -14.80 14.99
C ASP A 328 19.63 -15.19 13.57
N ILE A 329 19.91 -16.45 13.19
CA ILE A 329 19.51 -17.03 11.88
C ILE A 329 18.26 -17.88 12.11
N ILE A 330 17.09 -17.24 12.05
CA ILE A 330 15.77 -17.85 12.38
C ILE A 330 15.05 -18.19 11.06
N SER A 331 14.20 -19.22 11.10
CA SER A 331 13.44 -19.75 9.95
C SER A 331 11.98 -19.99 10.36
N ARG A 332 11.08 -20.17 9.38
CA ARG A 332 9.65 -20.49 9.57
C ARG A 332 9.00 -20.66 8.20
N ARG A 333 7.89 -21.40 8.13
CA ARG A 333 7.23 -21.75 6.84
C ARG A 333 6.14 -20.71 6.48
N ASP A 334 5.40 -20.21 7.46
CA ASP A 334 4.13 -19.45 7.26
C ASP A 334 4.39 -17.95 7.48
N GLN A 335 3.32 -17.14 7.49
CA GLN A 335 3.33 -15.65 7.58
C GLN A 335 3.80 -15.07 6.24
N ARG A 336 3.60 -13.76 6.05
CA ARG A 336 3.92 -13.06 4.78
C ARG A 336 5.36 -12.53 4.83
N GLY A 337 6.18 -13.06 3.92
CA GLY A 337 7.55 -12.58 3.65
C GLY A 337 7.79 -12.52 2.15
N SER A 338 7.79 -11.31 1.58
CA SER A 338 8.04 -11.04 0.14
C SER A 338 8.40 -9.57 -0.03
N GLY A 339 8.62 -9.16 -1.29
CA GLY A 339 8.79 -7.74 -1.65
C GLY A 339 7.49 -7.02 -1.38
N GLN A 340 7.55 -5.73 -1.06
CA GLN A 340 6.33 -4.98 -0.67
C GLN A 340 5.33 -5.11 -1.83
N VAL A 341 5.78 -5.12 -3.09
CA VAL A 341 4.87 -5.03 -4.27
C VAL A 341 4.20 -6.39 -4.54
N VAL A 342 4.93 -7.50 -4.43
CA VAL A 342 4.28 -8.83 -4.59
C VAL A 342 3.39 -9.09 -3.36
N THR A 343 3.80 -8.63 -2.18
CA THR A 343 2.97 -8.71 -0.96
C THR A 343 1.61 -8.03 -1.19
N TYR A 344 1.59 -6.88 -1.86
CA TYR A 344 0.35 -6.13 -2.14
C TYR A 344 -0.57 -7.04 -2.95
N GLY A 345 -0.03 -7.64 -4.03
CA GLY A 345 -0.85 -8.42 -4.98
C GLY A 345 -1.41 -9.69 -4.35
N LEU A 346 -0.60 -10.40 -3.57
CA LEU A 346 -1.00 -11.67 -2.94
C LEU A 346 -1.93 -11.37 -1.76
N ASN A 347 -1.69 -10.28 -1.02
CA ASN A 347 -2.62 -9.76 0.02
C ASN A 347 -3.98 -9.49 -0.63
N THR A 348 -4.05 -8.76 -1.73
CA THR A 348 -5.32 -8.45 -2.42
C THR A 348 -6.02 -9.78 -2.77
N PHE A 349 -5.27 -10.72 -3.35
CA PHE A 349 -5.80 -12.01 -3.84
C PHE A 349 -6.46 -12.76 -2.68
N THR A 350 -5.72 -12.92 -1.58
CA THR A 350 -6.13 -13.77 -0.44
C THR A 350 -7.27 -13.06 0.28
N ASN A 351 -7.25 -11.72 0.34
CA ASN A 351 -8.34 -10.89 0.92
C ASN A 351 -9.60 -11.06 0.07
N MET A 352 -9.48 -10.96 -1.25
CA MET A 352 -10.63 -11.19 -2.15
C MET A 352 -11.24 -12.58 -1.84
N GLU A 353 -10.40 -13.58 -1.62
CA GLU A 353 -10.84 -14.98 -1.39
C GLU A 353 -11.64 -15.05 -0.06
N ALA A 354 -11.05 -14.55 1.00
CA ALA A 354 -11.65 -14.53 2.36
C ALA A 354 -12.99 -13.81 2.31
N GLN A 355 -13.08 -12.67 1.63
CA GLN A 355 -14.33 -11.88 1.64
C GLN A 355 -15.42 -12.56 0.79
N LEU A 356 -15.11 -13.21 -0.33
CA LEU A 356 -16.13 -13.99 -1.12
C LEU A 356 -16.69 -15.13 -0.23
N ILE A 357 -15.83 -15.77 0.57
CA ILE A 357 -16.18 -16.90 1.47
C ILE A 357 -17.06 -16.35 2.60
N ARG A 358 -16.68 -15.24 3.24
CA ARG A 358 -17.54 -14.58 4.25
C ARG A 358 -18.90 -14.21 3.64
N GLN A 359 -18.92 -13.71 2.41
CA GLN A 359 -20.19 -13.47 1.69
C GLN A 359 -20.94 -14.83 1.53
N MET A 360 -20.25 -15.93 1.20
CA MET A 360 -20.92 -17.25 1.01
C MET A 360 -21.62 -17.67 2.33
N GLU A 361 -20.92 -17.58 3.45
CA GLU A 361 -21.42 -17.90 4.81
C GLU A 361 -22.64 -17.06 5.10
N GLY A 362 -22.61 -15.76 4.83
CA GLY A 362 -23.76 -14.89 5.07
C GLY A 362 -25.00 -15.26 4.25
N GLU A 363 -24.80 -15.76 3.03
CA GLU A 363 -25.90 -16.13 2.10
C GLU A 363 -26.30 -17.60 2.32
N GLY A 364 -25.70 -18.28 3.31
CA GLY A 364 -26.00 -19.68 3.62
C GLY A 364 -25.72 -20.68 2.49
N VAL A 365 -24.59 -20.49 1.79
CA VAL A 365 -24.11 -21.40 0.72
C VAL A 365 -23.56 -22.68 1.38
N PHE A 366 -23.09 -22.58 2.62
CA PHE A 366 -22.53 -23.71 3.41
C PHE A 366 -22.86 -23.50 4.89
N LYS A 367 -23.04 -24.61 5.62
CA LYS A 367 -23.61 -24.62 7.01
C LYS A 367 -22.47 -24.69 8.04
N SER A 368 -21.49 -25.56 7.83
CA SER A 368 -20.39 -25.83 8.79
C SER A 368 -19.03 -25.78 8.09
N ILE A 369 -18.03 -25.21 8.78
CA ILE A 369 -16.62 -25.09 8.31
C ILE A 369 -15.86 -26.38 8.68
N GLN A 370 -16.46 -27.21 9.54
CA GLN A 370 -15.85 -28.45 10.08
C GLN A 370 -15.63 -29.42 8.91
N HIS A 371 -16.61 -29.52 8.02
CA HIS A 371 -16.60 -30.42 6.83
C HIS A 371 -17.62 -29.91 5.80
N LEU A 372 -17.26 -30.00 4.51
CA LEU A 372 -18.11 -29.57 3.37
C LEU A 372 -18.64 -30.82 2.65
N THR A 373 -19.96 -30.96 2.55
CA THR A 373 -20.65 -32.09 1.86
C THR A 373 -20.34 -32.01 0.36
N VAL A 374 -20.52 -33.12 -0.36
CA VAL A 374 -20.31 -33.20 -1.84
C VAL A 374 -21.27 -32.22 -2.51
N THR A 375 -22.50 -32.12 -2.00
CA THR A 375 -23.58 -31.26 -2.52
C THR A 375 -23.23 -29.79 -2.25
N GLU A 376 -22.61 -29.50 -1.11
CA GLU A 376 -22.19 -28.13 -0.71
C GLU A 376 -21.06 -27.67 -1.64
N GLU A 377 -20.07 -28.53 -1.88
CA GLU A 377 -18.95 -28.28 -2.83
C GLU A 377 -19.55 -27.84 -4.18
N ILE A 378 -20.52 -28.59 -4.70
CA ILE A 378 -21.20 -28.29 -6.00
C ILE A 378 -21.92 -26.95 -5.88
N ALA A 379 -22.54 -26.66 -4.73
CA ALA A 379 -23.30 -25.40 -4.50
C ALA A 379 -22.35 -24.18 -4.44
N VAL A 380 -21.21 -24.30 -3.76
CA VAL A 380 -20.14 -23.27 -3.71
C VAL A 380 -19.66 -22.96 -5.14
N LYS A 381 -19.32 -24.00 -5.92
CA LYS A 381 -18.84 -23.89 -7.32
C LYS A 381 -19.92 -23.19 -8.16
N ASN A 382 -21.17 -23.61 -8.00
CA ASN A 382 -22.34 -23.09 -8.77
C ASN A 382 -22.56 -21.62 -8.39
N TRP A 383 -22.41 -21.29 -7.11
CA TRP A 383 -22.49 -19.90 -6.59
C TRP A 383 -21.45 -19.04 -7.32
N LEU A 384 -20.19 -19.46 -7.28
CA LEU A 384 -19.06 -18.74 -7.92
C LEU A 384 -19.33 -18.49 -9.42
N VAL A 385 -19.76 -19.53 -10.15
CA VAL A 385 -20.03 -19.48 -11.61
C VAL A 385 -21.23 -18.57 -11.87
N ARG A 386 -22.27 -18.66 -11.03
CA ARG A 386 -23.54 -17.93 -11.20
C ARG A 386 -23.36 -16.46 -10.75
N VAL A 387 -22.69 -16.18 -9.63
CA VAL A 387 -22.75 -14.80 -9.03
C VAL A 387 -21.38 -14.26 -8.61
N GLY A 388 -20.32 -15.05 -8.73
CA GLY A 388 -18.95 -14.69 -8.31
C GLY A 388 -18.57 -13.31 -8.78
N ARG A 389 -18.78 -13.02 -10.05
CA ARG A 389 -18.35 -11.73 -10.65
C ARG A 389 -19.15 -10.60 -10.01
N GLU A 390 -20.46 -10.78 -9.85
CA GLU A 390 -21.37 -9.78 -9.20
C GLU A 390 -20.86 -9.49 -7.79
N ARG A 391 -20.52 -10.54 -7.05
CA ARG A 391 -20.10 -10.45 -5.62
C ARG A 391 -18.72 -9.78 -5.49
N LEU A 392 -17.84 -9.98 -6.47
CA LEU A 392 -16.51 -9.30 -6.52
C LEU A 392 -16.74 -7.80 -6.76
N SER A 393 -17.76 -7.47 -7.55
CA SER A 393 -18.10 -6.08 -7.98
C SER A 393 -18.67 -5.29 -6.80
N ARG A 394 -19.05 -5.96 -5.71
CA ARG A 394 -19.69 -5.33 -4.52
C ARG A 394 -18.62 -4.87 -3.52
N MET A 395 -17.33 -5.03 -3.87
CA MET A 395 -16.21 -4.83 -2.91
C MET A 395 -15.11 -3.97 -3.52
N ALA A 396 -14.36 -3.27 -2.64
CA ALA A 396 -13.17 -2.49 -2.98
C ALA A 396 -12.10 -3.05 -2.04
N ILE A 397 -11.05 -3.67 -2.60
CA ILE A 397 -9.98 -4.35 -1.82
C ILE A 397 -8.61 -3.85 -2.27
N SER A 398 -7.81 -3.38 -1.31
CA SER A 398 -6.44 -2.87 -1.52
C SER A 398 -5.53 -3.60 -0.53
N GLY A 399 -4.90 -4.70 -0.95
CA GLY A 399 -4.09 -5.50 0.00
C GLY A 399 -4.95 -5.99 1.15
N ASP A 400 -4.52 -5.74 2.38
CA ASP A 400 -5.25 -6.21 3.59
C ASP A 400 -6.46 -5.31 3.87
N ASP A 401 -6.69 -4.27 3.08
CA ASP A 401 -7.79 -3.32 3.37
C ASP A 401 -9.00 -3.64 2.50
N CYS A 402 -10.22 -3.68 3.05
CA CYS A 402 -11.44 -3.96 2.28
C CYS A 402 -12.63 -3.12 2.72
N VAL A 403 -13.55 -2.99 1.77
CA VAL A 403 -14.94 -2.48 1.96
C VAL A 403 -15.84 -3.45 1.20
N VAL A 404 -16.82 -4.02 1.88
CA VAL A 404 -17.78 -5.00 1.28
C VAL A 404 -19.19 -4.46 1.49
N LYS A 405 -19.98 -4.41 0.42
CA LYS A 405 -21.45 -4.18 0.47
C LYS A 405 -22.15 -5.50 0.15
N PRO A 406 -22.39 -6.34 1.18
CA PRO A 406 -22.98 -7.67 0.97
C PRO A 406 -24.45 -7.56 0.52
N LEU A 407 -25.01 -8.71 0.12
CA LEU A 407 -26.43 -8.82 -0.33
C LEU A 407 -27.37 -8.35 0.80
N ASP A 408 -26.98 -8.54 2.06
CA ASP A 408 -27.79 -8.09 3.24
C ASP A 408 -26.94 -8.14 4.52
N ASP A 409 -27.52 -7.85 5.69
CA ASP A 409 -26.74 -7.73 6.94
C ASP A 409 -26.55 -9.08 7.65
N ARG A 410 -26.87 -10.22 7.04
CA ARG A 410 -26.47 -11.53 7.63
C ARG A 410 -24.94 -11.63 7.68
N PHE A 411 -24.25 -10.98 6.72
CA PHE A 411 -22.78 -10.88 6.64
C PHE A 411 -22.16 -10.46 7.98
N ALA A 412 -22.78 -9.52 8.71
CA ALA A 412 -22.29 -8.92 9.97
C ALA A 412 -21.96 -9.97 11.03
N SER A 413 -22.73 -11.06 11.11
CA SER A 413 -22.53 -12.15 12.09
C SER A 413 -22.03 -13.44 11.43
N ALA A 414 -21.66 -13.42 10.14
CA ALA A 414 -21.05 -14.59 9.46
C ALA A 414 -19.55 -14.59 9.76
N LEU A 415 -19.13 -15.24 10.85
CA LEU A 415 -17.77 -15.04 11.43
C LEU A 415 -16.95 -16.33 11.48
N THR A 416 -17.53 -17.51 11.22
CA THR A 416 -16.85 -18.79 11.56
C THR A 416 -15.69 -19.03 10.57
N ALA A 417 -15.92 -18.89 9.26
CA ALA A 417 -14.85 -19.08 8.25
C ALA A 417 -13.74 -18.03 8.45
N LEU A 418 -14.12 -16.76 8.59
CA LEU A 418 -13.17 -15.62 8.75
C LEU A 418 -12.25 -15.89 9.93
N ASN A 419 -12.82 -16.19 11.10
CA ASN A 419 -12.04 -16.52 12.33
C ASN A 419 -11.19 -17.78 12.10
N ASP A 420 -11.77 -18.84 11.50
CA ASP A 420 -11.06 -20.14 11.27
C ASP A 420 -9.98 -20.00 10.17
N MET A 421 -10.11 -19.10 9.20
CA MET A 421 -9.02 -18.79 8.22
C MET A 421 -7.91 -18.02 8.94
N GLY A 422 -8.16 -17.60 10.19
CA GLY A 422 -7.19 -16.83 11.00
C GLY A 422 -7.19 -15.34 10.74
N LYS A 423 -8.13 -14.81 9.92
CA LYS A 423 -8.28 -13.35 9.62
C LYS A 423 -9.16 -12.67 10.69
N VAL A 424 -8.66 -12.67 11.93
CA VAL A 424 -9.38 -12.16 13.12
C VAL A 424 -9.48 -10.65 13.01
N ARG A 425 -10.68 -10.09 13.22
CA ARG A 425 -10.93 -8.64 13.10
C ARG A 425 -10.25 -7.90 14.24
N LYS A 426 -9.84 -6.65 13.99
CA LYS A 426 -9.18 -5.74 14.97
C LYS A 426 -10.25 -4.91 15.70
N ASP A 427 -9.98 -4.52 16.95
CA ASP A 427 -10.77 -3.56 17.75
C ASP A 427 -12.21 -4.07 17.96
N ILE A 428 -12.38 -5.37 18.18
CA ILE A 428 -13.70 -6.01 18.46
C ILE A 428 -13.47 -7.43 18.99
N GLN A 429 -14.51 -8.00 19.62
CA GLN A 429 -14.43 -9.38 20.15
C GLN A 429 -14.63 -10.38 19.01
N GLN A 430 -13.93 -11.52 19.07
CA GLN A 430 -13.94 -12.50 17.95
C GLN A 430 -15.36 -12.82 17.49
N TRP A 431 -16.32 -12.93 18.41
CA TRP A 431 -17.69 -13.36 18.02
C TRP A 431 -18.70 -12.21 18.11
N GLU A 432 -18.23 -10.99 18.33
CA GLU A 432 -19.15 -9.82 18.32
C GLU A 432 -19.43 -9.43 16.88
N PRO A 433 -20.71 -9.29 16.47
CA PRO A 433 -21.04 -8.95 15.09
C PRO A 433 -20.47 -7.63 14.59
N SER A 434 -20.07 -7.58 13.31
CA SER A 434 -19.48 -6.36 12.71
C SER A 434 -20.48 -5.21 12.73
N ARG A 435 -19.99 -4.01 13.05
CA ARG A 435 -20.68 -2.71 12.85
C ARG A 435 -20.49 -2.27 11.40
N GLY A 436 -21.59 -2.11 10.65
CA GLY A 436 -21.53 -1.58 9.28
C GLY A 436 -21.79 -0.09 9.24
N TRP A 437 -21.58 0.53 8.09
CA TRP A 437 -21.74 1.98 7.87
C TRP A 437 -22.96 2.12 6.98
N ASN A 438 -23.81 3.11 7.25
CA ASN A 438 -25.01 3.33 6.41
C ASN A 438 -24.76 4.37 5.34
N ASP A 439 -23.65 5.10 5.43
CA ASP A 439 -23.35 6.21 4.47
C ASP A 439 -21.96 5.98 3.84
N TRP A 440 -21.88 5.88 2.52
CA TRP A 440 -20.57 5.67 1.84
C TRP A 440 -19.57 6.80 2.17
N THR A 441 -20.03 7.98 2.59
CA THR A 441 -19.15 9.11 2.96
C THR A 441 -18.51 8.99 4.36
N GLN A 442 -18.88 7.96 5.13
CA GLN A 442 -18.34 7.68 6.48
C GLN A 442 -17.38 6.48 6.47
N VAL A 443 -17.41 5.66 5.41
CA VAL A 443 -16.60 4.41 5.30
C VAL A 443 -15.12 4.77 5.28
N PRO A 444 -14.27 4.15 6.13
CA PRO A 444 -12.83 4.30 6.03
C PRO A 444 -12.29 3.37 4.93
N PHE A 445 -11.35 3.85 4.12
CA PHE A 445 -10.66 3.04 3.08
C PHE A 445 -9.36 3.74 2.72
N CYS A 446 -8.25 2.98 2.73
CA CYS A 446 -6.84 3.39 2.43
C CYS A 446 -6.50 4.67 3.20
N SER A 447 -6.87 4.68 4.48
CA SER A 447 -6.56 5.75 5.46
C SER A 447 -7.37 7.01 5.15
N HIS A 448 -8.42 6.92 4.33
CA HIS A 448 -9.22 8.10 3.93
C HIS A 448 -10.72 7.90 4.20
N HIS A 449 -11.46 9.01 4.17
CA HIS A 449 -12.92 9.05 3.88
C HIS A 449 -13.10 9.97 2.68
N PHE A 450 -14.30 9.99 2.12
CA PHE A 450 -14.63 10.65 0.84
C PHE A 450 -15.86 11.54 1.02
N HIS A 451 -15.75 12.79 0.56
CA HIS A 451 -16.85 13.80 0.59
C HIS A 451 -17.40 13.93 -0.82
N GLU A 452 -18.71 14.14 -0.93
CA GLU A 452 -19.42 14.60 -2.14
C GLU A 452 -19.44 16.12 -2.10
N LEU A 453 -18.89 16.76 -3.13
CA LEU A 453 -18.67 18.23 -3.18
C LEU A 453 -19.20 18.75 -4.53
N ILE A 454 -20.22 19.62 -4.47
CA ILE A 454 -20.92 20.17 -5.66
C ILE A 454 -20.23 21.49 -6.06
N MET A 455 -19.75 21.58 -7.29
CA MET A 455 -19.13 22.80 -7.85
C MET A 455 -20.22 23.84 -8.11
N LYS A 456 -19.83 25.11 -8.13
N LYS A 456 -19.82 25.11 -8.13
CA LYS A 456 -20.77 26.25 -8.36
CA LYS A 456 -20.71 26.28 -8.38
C LYS A 456 -21.53 26.05 -9.67
C LYS A 456 -21.53 26.03 -9.66
N ASP A 457 -21.01 25.23 -10.60
CA ASP A 457 -21.71 24.89 -11.87
C ASP A 457 -22.49 23.55 -11.84
N GLY A 458 -22.71 22.94 -10.67
CA GLY A 458 -23.55 21.75 -10.48
C GLY A 458 -22.80 20.42 -10.68
N ARG A 459 -21.59 20.44 -11.25
CA ARG A 459 -20.83 19.19 -11.47
C ARG A 459 -20.36 18.62 -10.13
N VAL A 460 -20.21 17.30 -10.06
CA VAL A 460 -20.02 16.62 -8.74
C VAL A 460 -18.61 16.05 -8.67
N LEU A 461 -17.85 16.54 -7.68
CA LEU A 461 -16.53 16.01 -7.29
C LEU A 461 -16.74 15.03 -6.10
N VAL A 462 -16.13 13.86 -6.16
CA VAL A 462 -15.96 12.97 -4.98
C VAL A 462 -14.48 13.02 -4.59
N VAL A 463 -14.17 13.59 -3.44
CA VAL A 463 -12.80 14.02 -3.05
C VAL A 463 -12.33 13.21 -1.86
N PRO A 464 -11.03 12.87 -1.80
CA PRO A 464 -10.48 12.16 -0.66
C PRO A 464 -10.13 13.13 0.47
N CYS A 465 -10.11 12.62 1.70
CA CYS A 465 -9.97 13.45 2.92
C CYS A 465 -9.44 12.59 4.07
N ARG A 466 -8.66 13.18 4.96
CA ARG A 466 -8.38 12.60 6.27
C ARG A 466 -8.06 13.72 7.25
N ASN A 467 -7.90 13.37 8.52
CA ASN A 467 -7.65 14.38 9.57
C ASN A 467 -6.45 15.23 9.12
N GLN A 468 -6.59 16.54 9.11
CA GLN A 468 -5.61 17.45 8.50
C GLN A 468 -4.33 17.41 9.33
N ASP A 469 -4.43 17.09 10.61
CA ASP A 469 -3.20 16.92 11.43
C ASP A 469 -2.29 15.82 10.88
N GLU A 470 -2.87 14.74 10.35
CA GLU A 470 -2.10 13.60 9.76
C GLU A 470 -1.41 14.10 8.48
N LEU A 471 -2.10 14.88 7.65
CA LEU A 471 -1.53 15.41 6.38
C LEU A 471 -0.37 16.37 6.64
N ILE A 472 -0.56 17.32 7.54
CA ILE A 472 0.51 18.30 7.87
C ILE A 472 1.67 17.60 8.58
N GLY A 473 1.40 16.70 9.52
CA GLY A 473 2.47 15.95 10.23
C GLY A 473 3.37 15.12 9.29
N ARG A 474 2.79 14.49 8.27
CA ARG A 474 3.50 13.63 7.27
C ARG A 474 4.38 14.51 6.37
N ALA A 475 3.85 15.67 5.93
CA ALA A 475 4.57 16.61 5.03
C ALA A 475 5.77 17.22 5.77
N ARG A 476 5.73 17.26 7.10
CA ARG A 476 6.86 17.82 7.90
C ARG A 476 8.01 16.83 8.13
N ILE A 477 7.85 15.60 7.65
CA ILE A 477 8.79 14.47 7.90
C ILE A 477 9.48 14.09 6.59
N SER A 478 10.79 13.86 6.66
CA SER A 478 11.62 13.30 5.55
C SER A 478 12.12 11.92 5.96
N GLN A 479 12.13 10.97 5.01
CA GLN A 479 12.64 9.58 5.19
C GLN A 479 14.11 9.55 4.74
N GLY A 480 15.03 9.92 5.64
CA GLY A 480 16.48 9.92 5.41
C GLY A 480 17.11 11.26 5.79
N ALA A 481 18.44 11.32 5.72
CA ALA A 481 19.26 12.50 6.06
C ALA A 481 20.32 12.73 4.97
N GLY A 482 21.16 13.75 5.15
CA GLY A 482 22.25 14.09 4.22
C GLY A 482 21.77 14.85 2.99
N TRP A 483 20.48 15.22 2.94
CA TRP A 483 19.84 15.90 1.79
C TRP A 483 20.24 17.38 1.78
N SER A 484 20.29 18.00 0.59
CA SER A 484 20.60 19.44 0.42
C SER A 484 19.36 20.27 0.76
N LEU A 485 19.50 21.60 0.87
CA LEU A 485 18.35 22.53 1.01
C LEU A 485 17.45 22.44 -0.23
N ARG A 486 18.07 22.32 -1.41
CA ARG A 486 17.35 22.18 -2.69
C ARG A 486 16.46 20.91 -2.70
N GLU A 487 16.99 19.78 -2.25
CA GLU A 487 16.28 18.46 -2.25
C GLU A 487 15.14 18.51 -1.21
N THR A 488 15.39 19.12 -0.05
CA THR A 488 14.36 19.33 1.02
C THR A 488 13.22 20.19 0.46
N ALA A 489 13.56 21.26 -0.27
CA ALA A 489 12.60 22.18 -0.91
C ALA A 489 11.75 21.43 -1.97
N CYS A 490 12.37 20.57 -2.80
CA CYS A 490 11.67 19.81 -3.87
C CYS A 490 10.71 18.77 -3.25
N LEU A 491 11.08 18.17 -2.14
CA LEU A 491 10.16 17.27 -1.37
C LEU A 491 8.98 18.07 -0.79
N GLY A 492 9.23 19.24 -0.20
CA GLY A 492 8.14 20.12 0.23
C GLY A 492 7.18 20.39 -0.90
N LYS A 493 7.72 20.68 -2.07
CA LYS A 493 6.95 21.00 -3.30
C LYS A 493 6.13 19.79 -3.74
N SER A 494 6.67 18.58 -3.63
CA SER A 494 5.90 17.33 -3.94
C SER A 494 4.66 17.29 -3.04
N TYR A 495 4.80 17.53 -1.75
CA TYR A 495 3.63 17.53 -0.80
C TYR A 495 2.63 18.63 -1.17
N ALA A 496 3.14 19.84 -1.45
CA ALA A 496 2.32 21.00 -1.83
C ALA A 496 1.47 20.65 -3.06
N GLN A 497 2.08 20.10 -4.11
CA GLN A 497 1.35 19.77 -5.37
C GLN A 497 0.38 18.59 -5.11
N MET A 498 0.72 17.66 -4.23
CA MET A 498 -0.26 16.59 -3.87
C MET A 498 -1.49 17.27 -3.23
N TRP A 499 -1.27 18.20 -2.33
CA TRP A 499 -2.37 18.89 -1.61
C TRP A 499 -3.27 19.67 -2.58
N SER A 500 -2.67 20.37 -3.55
N SER A 500 -2.68 20.36 -3.57
CA SER A 500 -3.40 21.17 -4.56
CA SER A 500 -3.46 21.18 -4.53
C SER A 500 -4.27 20.24 -5.41
C SER A 500 -4.26 20.26 -5.44
N LEU A 501 -3.80 19.02 -5.67
CA LEU A 501 -4.51 18.06 -6.55
C LEU A 501 -5.55 17.23 -5.79
N MET A 502 -5.24 16.76 -4.59
CA MET A 502 -6.11 15.82 -3.86
C MET A 502 -6.93 16.53 -2.75
N TYR A 503 -6.37 17.54 -2.06
CA TYR A 503 -6.87 18.11 -0.79
C TYR A 503 -7.23 19.62 -0.96
N PHE A 504 -7.51 20.04 -2.20
CA PHE A 504 -7.72 21.45 -2.60
C PHE A 504 -8.92 22.03 -1.85
N HIS A 505 -9.80 21.13 -1.44
CA HIS A 505 -11.09 21.44 -0.75
C HIS A 505 -10.89 21.77 0.74
N ARG A 506 -9.68 21.62 1.28
CA ARG A 506 -9.31 21.96 2.68
C ARG A 506 -8.65 23.33 2.63
N ARG A 507 -9.26 24.33 3.27
CA ARG A 507 -8.85 25.76 3.20
C ARG A 507 -7.38 25.90 3.60
N ASP A 508 -6.94 25.21 4.66
CA ASP A 508 -5.56 25.37 5.18
C ASP A 508 -4.53 24.77 4.20
N LEU A 509 -4.90 23.71 3.47
CA LEU A 509 -3.95 22.98 2.63
C LEU A 509 -3.82 23.72 1.28
N ARG A 510 -4.89 24.32 0.76
CA ARG A 510 -4.79 25.11 -0.49
C ARG A 510 -3.90 26.32 -0.20
N LEU A 511 -4.02 26.93 0.99
CA LEU A 511 -3.22 28.12 1.33
C LEU A 511 -1.77 27.69 1.56
N ALA A 512 -1.51 26.64 2.32
CA ALA A 512 -0.13 26.24 2.61
C ALA A 512 0.56 25.74 1.31
N ALA A 513 -0.17 25.10 0.41
CA ALA A 513 0.33 24.56 -0.87
C ALA A 513 0.78 25.72 -1.76
N ASN A 514 -0.07 26.75 -1.86
CA ASN A 514 0.24 28.01 -2.60
C ASN A 514 1.47 28.67 -1.97
N ALA A 515 1.54 28.73 -0.65
CA ALA A 515 2.70 29.33 0.03
C ALA A 515 3.97 28.52 -0.29
N ILE A 516 3.94 27.21 -0.20
CA ILE A 516 5.15 26.39 -0.46
C ILE A 516 5.57 26.56 -1.94
N CYS A 517 4.66 26.47 -2.89
CA CYS A 517 4.99 26.61 -4.33
C CYS A 517 5.46 28.03 -4.63
N SER A 518 5.12 29.01 -3.79
CA SER A 518 5.60 30.39 -3.93
C SER A 518 7.01 30.50 -3.37
N ALA A 519 7.34 29.65 -2.40
CA ALA A 519 8.61 29.74 -1.61
C ALA A 519 9.73 28.95 -2.29
N VAL A 520 9.38 27.99 -3.12
CA VAL A 520 10.34 27.12 -3.83
C VAL A 520 10.48 27.63 -5.26
N PRO A 521 11.73 27.70 -5.80
CA PRO A 521 11.92 28.20 -7.18
C PRO A 521 10.99 27.48 -8.15
N SER A 522 10.32 28.28 -9.00
N SER A 522 10.34 28.28 -9.02
CA SER A 522 9.27 27.86 -9.96
CA SER A 522 9.27 27.87 -9.96
C SER A 522 9.69 26.63 -10.76
C SER A 522 9.67 26.65 -10.79
N HIS A 523 10.92 26.62 -11.29
CA HIS A 523 11.38 25.54 -12.21
C HIS A 523 11.94 24.32 -11.48
N TRP A 524 12.11 24.34 -10.15
CA TRP A 524 12.69 23.18 -9.42
C TRP A 524 11.70 22.02 -9.43
N VAL A 525 12.20 20.81 -9.63
CA VAL A 525 11.36 19.62 -9.93
C VAL A 525 11.03 18.92 -8.61
N PRO A 526 9.75 18.63 -8.37
CA PRO A 526 9.37 17.79 -7.23
C PRO A 526 10.00 16.39 -7.21
N THR A 527 10.46 15.96 -6.03
CA THR A 527 11.07 14.62 -5.79
C THR A 527 10.37 13.94 -4.62
N ILE A 534 0.41 1.57 -3.47
CA ILE A 534 0.31 0.82 -4.76
C ILE A 534 -1.14 0.90 -5.31
N HIS A 535 -2.02 1.70 -4.69
CA HIS A 535 -3.36 2.13 -5.23
C HIS A 535 -3.25 3.44 -6.03
N ALA A 536 -2.08 4.13 -6.00
CA ALA A 536 -1.88 5.56 -6.38
C ALA A 536 -1.16 5.69 -7.74
N THR A 537 -1.11 6.91 -8.32
CA THR A 537 -0.53 7.15 -9.68
C THR A 537 0.18 8.51 -9.83
N HIS A 538 0.08 9.44 -8.87
CA HIS A 538 1.09 10.50 -8.62
C HIS A 538 1.15 11.54 -9.74
N GLU A 539 0.00 12.08 -10.14
CA GLU A 539 -0.06 13.15 -11.16
C GLU A 539 0.56 14.46 -10.65
N TRP A 540 0.90 14.57 -9.37
CA TRP A 540 1.47 15.81 -8.79
C TRP A 540 2.97 15.92 -9.00
N MET A 541 3.62 14.82 -9.41
CA MET A 541 5.08 14.76 -9.70
C MET A 541 5.32 15.26 -11.13
N THR A 542 5.41 16.58 -11.29
CA THR A 542 5.52 17.26 -12.61
C THR A 542 5.83 18.72 -12.36
N THR A 543 6.34 19.42 -13.39
CA THR A 543 6.57 20.90 -13.40
C THR A 543 5.46 21.60 -14.18
N GLU A 544 4.52 20.86 -14.77
CA GLU A 544 3.32 21.42 -15.44
C GLU A 544 2.49 22.24 -14.44
N ASP A 545 1.73 23.19 -14.95
CA ASP A 545 0.91 24.14 -14.14
C ASP A 545 -0.14 23.30 -13.39
N MET A 546 -0.34 23.56 -12.10
CA MET A 546 -1.23 22.67 -11.29
C MET A 546 -2.70 22.78 -11.72
N LEU A 547 -3.16 23.95 -12.19
CA LEU A 547 -4.56 24.08 -12.68
C LEU A 547 -4.76 23.21 -13.93
N THR A 548 -3.74 23.09 -14.78
CA THR A 548 -3.82 22.25 -16.01
C THR A 548 -3.96 20.77 -15.62
N VAL A 549 -3.09 20.29 -14.75
CA VAL A 549 -3.17 18.93 -14.16
C VAL A 549 -4.53 18.74 -13.46
N TRP A 550 -5.02 19.71 -12.69
CA TRP A 550 -6.31 19.56 -11.98
C TRP A 550 -7.40 19.26 -13.04
N ASN A 551 -7.46 20.07 -14.09
CA ASN A 551 -8.46 19.94 -15.20
C ASN A 551 -8.34 18.56 -15.85
N ARG A 552 -7.12 18.07 -16.07
CA ARG A 552 -6.92 16.75 -16.71
C ARG A 552 -7.49 15.64 -15.80
N VAL A 553 -7.16 15.69 -14.50
CA VAL A 553 -7.44 14.63 -13.50
C VAL A 553 -8.94 14.64 -13.12
N TRP A 554 -9.50 15.81 -12.82
CA TRP A 554 -10.85 15.93 -12.22
C TRP A 554 -11.93 16.12 -13.29
N ILE A 555 -11.58 16.57 -14.52
CA ILE A 555 -12.59 16.86 -15.59
C ILE A 555 -12.33 15.95 -16.78
N GLN A 556 -11.21 16.16 -17.49
CA GLN A 556 -10.96 15.59 -18.84
C GLN A 556 -10.98 14.06 -18.74
N GLU A 557 -10.19 13.50 -17.82
CA GLU A 557 -9.92 12.04 -17.73
C GLU A 557 -10.89 11.37 -16.73
N ASN A 558 -11.83 12.12 -16.14
CA ASN A 558 -12.69 11.61 -15.02
C ASN A 558 -13.91 10.95 -15.65
N PRO A 559 -14.02 9.61 -15.67
CA PRO A 559 -15.16 8.97 -16.30
C PRO A 559 -16.50 9.24 -15.60
N TRP A 560 -16.51 9.80 -14.39
CA TRP A 560 -17.80 10.10 -13.71
C TRP A 560 -18.29 11.53 -14.02
N MET A 561 -17.55 12.31 -14.81
CA MET A 561 -17.89 13.72 -15.20
C MET A 561 -18.34 13.72 -16.66
N GLU A 562 -19.62 13.95 -16.95
CA GLU A 562 -20.15 13.96 -18.35
C GLU A 562 -19.66 15.23 -19.07
N ASP A 563 -19.86 16.38 -18.45
CA ASP A 563 -19.55 17.71 -19.02
C ASP A 563 -18.05 18.01 -18.86
N LYS A 564 -17.32 18.18 -19.95
CA LYS A 564 -15.84 18.31 -19.98
C LYS A 564 -15.43 19.79 -20.08
N THR A 565 -16.29 20.73 -19.71
CA THR A 565 -15.95 22.18 -19.72
C THR A 565 -14.78 22.41 -18.79
N PRO A 566 -13.61 22.89 -19.28
CA PRO A 566 -12.47 23.12 -18.40
C PRO A 566 -12.82 24.21 -17.37
N VAL A 567 -12.13 24.19 -16.24
CA VAL A 567 -12.17 25.25 -15.19
C VAL A 567 -11.04 26.24 -15.51
N GLU A 568 -11.35 27.55 -15.52
CA GLU A 568 -10.45 28.63 -16.00
C GLU A 568 -9.63 29.21 -14.85
N SER A 569 -10.07 29.05 -13.60
CA SER A 569 -9.34 29.54 -12.40
C SER A 569 -9.59 28.70 -11.15
N TRP A 570 -8.70 28.82 -10.17
CA TRP A 570 -8.79 28.08 -8.90
C TRP A 570 -10.06 28.52 -8.14
N GLU A 571 -10.49 29.75 -8.31
CA GLU A 571 -11.69 30.24 -7.59
C GLU A 571 -12.95 29.48 -8.02
N GLU A 572 -12.99 28.88 -9.22
CA GLU A 572 -14.13 28.01 -9.66
C GLU A 572 -14.15 26.68 -8.85
N ILE A 573 -13.06 26.35 -8.16
CA ILE A 573 -12.84 25.03 -7.50
C ILE A 573 -13.27 25.16 -6.03
N PRO A 574 -14.29 24.39 -5.61
CA PRO A 574 -14.90 24.62 -4.30
C PRO A 574 -14.11 24.07 -3.09
N TYR A 575 -14.53 24.48 -1.90
CA TYR A 575 -14.05 23.96 -0.59
C TYR A 575 -15.17 23.14 0.07
N LEU A 576 -14.84 22.35 1.09
CA LEU A 576 -15.83 21.72 2.01
C LEU A 576 -16.56 22.83 2.78
N GLY A 577 -17.72 22.51 3.37
CA GLY A 577 -18.41 23.40 4.31
C GLY A 577 -17.45 23.89 5.40
N LYS A 578 -17.55 25.20 5.74
CA LYS A 578 -16.75 25.84 6.81
C LYS A 578 -16.77 24.98 8.07
N ARG A 579 -17.92 24.36 8.40
CA ARG A 579 -18.07 23.49 9.58
C ARG A 579 -17.50 22.10 9.26
N GLU A 580 -17.72 21.61 8.04
CA GLU A 580 -17.19 20.30 7.56
C GLU A 580 -15.65 20.33 7.55
N ASP A 581 -15.03 21.51 7.51
CA ASP A 581 -13.55 21.67 7.47
C ASP A 581 -12.98 21.50 8.88
N GLN A 582 -13.58 22.19 9.87
CA GLN A 582 -13.12 22.08 11.28
C GLN A 582 -13.28 20.62 11.74
N TRP A 583 -14.42 20.00 11.47
CA TRP A 583 -14.67 18.56 11.75
C TRP A 583 -13.49 17.71 11.29
N CYS A 584 -12.88 18.04 10.13
CA CYS A 584 -11.75 17.25 9.58
C CYS A 584 -10.40 17.90 9.91
N GLY A 585 -10.38 18.85 10.87
CA GLY A 585 -9.16 19.30 11.56
C GLY A 585 -8.71 20.70 11.18
N SER A 586 -9.44 21.44 10.36
CA SER A 586 -9.04 22.82 9.96
C SER A 586 -8.86 23.70 11.19
N LEU A 587 -7.93 24.66 11.11
CA LEU A 587 -7.64 25.65 12.18
C LEU A 587 -8.34 26.99 11.88
N ILE A 588 -9.30 26.99 10.96
CA ILE A 588 -10.10 28.22 10.65
C ILE A 588 -10.94 28.62 11.87
N GLY A 589 -11.18 29.91 12.04
CA GLY A 589 -11.91 30.44 13.22
C GLY A 589 -11.00 30.58 14.44
N LEU A 590 -9.71 30.28 14.30
CA LEU A 590 -8.66 30.51 15.34
C LEU A 590 -7.82 31.72 14.93
N THR A 591 -7.39 32.52 15.92
CA THR A 591 -6.60 33.76 15.72
C THR A 591 -5.24 33.41 15.12
N SER A 592 -4.55 32.40 15.66
CA SER A 592 -3.24 31.89 15.16
C SER A 592 -3.30 31.75 13.63
N ARG A 593 -4.21 30.92 13.14
CA ARG A 593 -4.38 30.63 11.69
C ARG A 593 -4.66 31.94 10.94
N ALA A 594 -5.40 32.87 11.54
CA ALA A 594 -5.69 34.19 10.94
C ALA A 594 -4.40 35.02 10.79
N THR A 595 -3.50 34.98 11.76
CA THR A 595 -2.23 35.72 11.71
C THR A 595 -1.37 35.11 10.60
N TRP A 596 -1.30 33.78 10.56
CA TRP A 596 -0.53 33.02 9.55
C TRP A 596 -1.01 33.40 8.15
N ALA A 597 -2.32 33.27 7.88
CA ALA A 597 -2.92 33.63 6.57
C ALA A 597 -2.58 35.07 6.17
N LYS A 598 -2.86 36.04 7.04
CA LYS A 598 -2.66 37.49 6.78
C LYS A 598 -1.19 37.77 6.50
N ASN A 599 -0.28 37.20 7.31
CA ASN A 599 1.19 37.44 7.24
C ASN A 599 1.88 36.31 6.47
N ILE A 600 1.27 35.80 5.39
CA ILE A 600 1.77 34.61 4.64
C ILE A 600 2.98 35.01 3.80
N GLN A 601 2.95 36.20 3.20
N GLN A 601 2.98 36.20 3.18
CA GLN A 601 4.04 36.73 2.32
CA GLN A 601 4.08 36.67 2.30
C GLN A 601 5.34 36.86 3.12
C GLN A 601 5.37 36.86 3.12
N THR A 602 5.27 37.15 4.42
CA THR A 602 6.45 37.23 5.31
C THR A 602 7.08 35.85 5.52
N ALA A 603 6.30 34.78 5.56
CA ALA A 603 6.82 33.43 5.75
C ALA A 603 7.46 32.99 4.45
N ILE A 604 6.75 33.20 3.36
CA ILE A 604 7.26 32.93 2.00
C ILE A 604 8.62 33.62 1.83
N ASN A 605 8.73 34.90 2.19
CA ASN A 605 9.99 35.67 2.06
C ASN A 605 11.08 35.08 2.99
N GLN A 606 10.73 34.57 4.17
CA GLN A 606 11.76 33.97 5.08
C GLN A 606 12.44 32.79 4.36
N VAL A 607 11.64 31.94 3.73
CA VAL A 607 12.15 30.72 3.05
C VAL A 607 12.89 31.16 1.76
N ARG A 608 12.36 32.11 0.99
CA ARG A 608 13.07 32.63 -0.21
C ARG A 608 14.46 33.12 0.17
N SER A 609 14.60 33.84 1.29
CA SER A 609 15.91 34.34 1.77
C SER A 609 16.88 33.21 2.11
N LEU A 610 16.39 32.08 2.61
CA LEU A 610 17.27 30.95 3.02
C LEU A 610 17.78 30.21 1.79
N ILE A 611 16.90 29.98 0.82
CA ILE A 611 17.22 29.31 -0.47
C ILE A 611 18.14 30.21 -1.32
N GLY A 612 17.84 31.52 -1.39
CA GLY A 612 18.68 32.54 -2.04
C GLY A 612 18.03 33.16 -3.27
N ASN A 613 18.85 33.79 -4.12
CA ASN A 613 18.38 34.59 -5.29
C ASN A 613 18.10 33.65 -6.47
N GLU A 614 16.84 33.29 -6.66
CA GLU A 614 16.38 32.26 -7.62
C GLU A 614 15.16 32.88 -8.29
N GLU A 615 14.61 32.23 -9.31
CA GLU A 615 13.35 32.72 -9.95
C GLU A 615 12.20 32.05 -9.19
N TYR A 616 11.34 32.87 -8.56
CA TYR A 616 10.11 32.49 -7.82
C TYR A 616 8.87 33.06 -8.53
N THR A 617 7.73 32.37 -8.36
CA THR A 617 6.37 32.82 -8.73
C THR A 617 5.52 33.04 -7.47
N ASP A 618 4.72 34.10 -7.45
CA ASP A 618 3.68 34.34 -6.41
C ASP A 618 2.40 33.60 -6.83
N TYR A 619 2.08 32.49 -6.18
CA TYR A 619 0.81 31.77 -6.41
C TYR A 619 -0.31 32.27 -5.49
N MET A 620 -0.03 33.12 -4.49
CA MET A 620 -1.06 33.55 -3.49
C MET A 620 -2.24 34.29 -4.16
N PRO A 621 -2.09 35.13 -5.22
CA PRO A 621 -3.24 35.77 -5.89
C PRO A 621 -4.22 34.86 -6.64
N SER A 622 -3.90 33.56 -6.80
CA SER A 622 -4.84 32.50 -7.27
C SER A 622 -5.98 32.30 -6.26
N MET A 623 -5.84 32.86 -5.05
CA MET A 623 -6.87 32.81 -3.98
C MET A 623 -7.52 34.19 -3.86
N LYS A 624 -8.83 34.20 -3.64
CA LYS A 624 -9.70 35.41 -3.59
C LYS A 624 -9.15 36.47 -2.62
N ARG A 625 -8.77 36.05 -1.41
CA ARG A 625 -8.39 36.98 -0.30
C ARG A 625 -7.07 37.70 -0.62
N PHE A 626 -6.19 37.10 -1.43
CA PHE A 626 -4.89 37.68 -1.83
C PHE A 626 -5.00 38.37 -3.21
N ARG A 627 -6.13 38.17 -3.88
CA ARG A 627 -6.46 38.89 -5.13
C ARG A 627 -6.75 40.34 -4.71
N ARG A 628 -5.69 41.09 -4.40
CA ARG A 628 -5.72 42.48 -3.84
C ARG A 628 -6.48 42.46 -2.51
#